data_3TQZ
#
_entry.id   3TQZ
#
_cell.length_a   85.065
_cell.length_b   85.065
_cell.length_c   54.760
_cell.angle_alpha   90.000
_cell.angle_beta   90.000
_cell.angle_gamma   120.000
#
_symmetry.space_group_name_H-M   'P 63'
#
loop_
_entity.id
_entity.type
_entity.pdbx_description
1 polymer "Deoxyuridine 5'-triphosphate nucleotidohydrolase"
2 non-polymer 'SULFATE ION'
3 water water
#
_entity_poly.entity_id   1
_entity_poly.type   'polypeptide(L)'
_entity_poly.pdbx_seq_one_letter_code
;SNA(MSE)THSVQLKILDKRLGSEFPLPAYATTGSAGLDLRACLDEPLKIEPDETCLISTGLAIYLGHSNVAATILPRSG
LGHKHGIVLGNLVGLIDSDYQGPL(MSE)VSCWNRGKEPYTINPGDRIAQLVVLPILKAQFAVVEEFELTERGAGGFGSS
GQN
;
_entity_poly.pdbx_strand_id   A
#
# COMPACT_ATOMS: atom_id res chain seq x y z
N THR A 5 0.15 -18.16 -7.05
N THR A 5 0.18 -18.14 -7.08
CA THR A 5 -0.34 -16.92 -7.66
CA THR A 5 -0.34 -16.88 -7.60
C THR A 5 -1.81 -16.72 -7.31
C THR A 5 -1.78 -16.70 -7.18
N HIS A 6 -2.26 -15.48 -7.33
CA HIS A 6 -3.61 -15.17 -6.96
C HIS A 6 -4.11 -14.03 -7.85
N SER A 7 -5.22 -14.28 -8.52
CA SER A 7 -5.86 -13.27 -9.35
C SER A 7 -6.50 -12.15 -8.53
N VAL A 8 -6.18 -10.89 -8.85
CA VAL A 8 -6.70 -9.74 -8.13
C VAL A 8 -7.33 -8.80 -9.14
N GLN A 9 -8.62 -8.46 -8.95
CA GLN A 9 -9.25 -7.54 -9.89
C GLN A 9 -8.80 -6.14 -9.52
N LEU A 10 -8.60 -5.35 -10.57
N LEU A 10 -8.55 -5.33 -10.55
CA LEU A 10 -8.08 -4.02 -10.49
CA LEU A 10 -8.08 -3.99 -10.36
C LEU A 10 -9.03 -3.06 -11.23
C LEU A 10 -8.89 -3.00 -11.23
N LYS A 11 -9.40 -1.97 -10.58
CA LYS A 11 -10.20 -0.96 -11.25
C LYS A 11 -9.31 0.30 -11.31
N ILE A 12 -9.15 0.82 -12.52
CA ILE A 12 -8.34 2.04 -12.72
C ILE A 12 -9.21 3.26 -12.56
N LEU A 13 -8.88 4.07 -11.56
CA LEU A 13 -9.63 5.30 -11.27
C LEU A 13 -9.02 6.59 -11.81
N ASP A 14 -7.73 6.55 -12.13
CA ASP A 14 -7.02 7.66 -12.76
C ASP A 14 -6.38 7.17 -14.07
N LYS A 15 -6.71 7.81 -15.19
CA LYS A 15 -6.26 7.37 -16.52
C LYS A 15 -4.74 7.38 -16.73
N ARG A 16 -4.01 8.05 -15.84
CA ARG A 16 -2.55 7.97 -15.92
C ARG A 16 -2.03 6.59 -15.62
N LEU A 17 -2.80 5.77 -14.87
CA LEU A 17 -2.31 4.46 -14.45
C LEU A 17 -2.27 3.51 -15.65
N GLY A 18 -1.11 2.89 -15.86
CA GLY A 18 -0.89 2.07 -17.03
C GLY A 18 -0.29 2.89 -18.15
N SER A 19 -0.33 4.22 -18.02
CA SER A 19 0.19 5.08 -19.06
C SER A 19 1.41 5.82 -18.50
N GLU A 20 1.24 7.08 -18.05
CA GLU A 20 2.35 7.83 -17.49
C GLU A 20 2.90 7.13 -16.24
N PHE A 21 2.02 6.50 -15.48
CA PHE A 21 2.41 5.84 -14.19
C PHE A 21 2.13 4.35 -14.33
N PRO A 22 3.17 3.53 -14.35
CA PRO A 22 2.94 2.08 -14.50
C PRO A 22 1.97 1.52 -13.40
N LEU A 23 1.15 0.53 -13.80
CA LEU A 23 0.39 -0.23 -12.79
C LEU A 23 1.37 -0.85 -11.79
N PRO A 24 0.90 -1.13 -10.55
CA PRO A 24 1.80 -1.77 -9.60
C PRO A 24 2.31 -3.07 -10.17
N ALA A 25 3.60 -3.31 -9.95
CA ALA A 25 4.23 -4.48 -10.56
C ALA A 25 5.31 -4.94 -9.62
N TYR A 26 5.65 -6.22 -9.71
CA TYR A 26 6.84 -6.76 -9.02
C TYR A 26 8.08 -6.30 -9.85
N ALA A 27 9.01 -5.58 -9.20
CA ALA A 27 10.22 -5.06 -9.85
C ALA A 27 11.03 -6.19 -10.46
N THR A 28 11.16 -7.27 -9.72
CA THR A 28 11.73 -8.47 -10.22
C THR A 28 10.86 -9.68 -9.89
N THR A 29 11.20 -10.82 -10.49
CA THR A 29 10.63 -12.13 -10.23
C THR A 29 10.70 -12.54 -8.71
N GLY A 30 11.71 -12.03 -8.02
CA GLY A 30 11.84 -12.31 -6.58
C GLY A 30 11.34 -11.23 -5.63
N SER A 31 10.72 -10.19 -6.14
CA SER A 31 10.15 -9.15 -5.29
C SER A 31 8.95 -9.66 -4.52
N ALA A 32 8.88 -9.29 -3.25
CA ALA A 32 7.73 -9.65 -2.42
C ALA A 32 6.54 -8.69 -2.56
N GLY A 33 6.83 -7.44 -2.96
CA GLY A 33 5.86 -6.38 -2.92
C GLY A 33 5.69 -5.73 -4.31
N LEU A 34 4.49 -5.18 -4.53
CA LEU A 34 4.19 -4.42 -5.78
C LEU A 34 4.32 -2.97 -5.41
N ASP A 35 4.93 -2.17 -6.26
N ASP A 35 4.91 -2.19 -6.29
CA ASP A 35 5.09 -0.73 -5.95
CA ASP A 35 5.02 -0.74 -6.08
C ASP A 35 3.83 0.11 -6.17
C ASP A 35 3.66 -0.03 -6.08
N LEU A 36 3.49 0.90 -5.14
CA LEU A 36 2.29 1.81 -5.18
C LEU A 36 2.82 3.21 -5.38
N ARG A 37 2.17 3.93 -6.29
CA ARG A 37 2.66 5.23 -6.73
C ARG A 37 1.69 6.33 -6.36
N ALA A 38 2.21 7.52 -6.26
CA ALA A 38 1.41 8.71 -5.83
C ALA A 38 0.70 9.33 -7.02
N CYS A 39 -0.63 9.20 -7.01
N CYS A 39 -0.63 9.25 -7.02
CA CYS A 39 -1.43 9.87 -8.02
CA CYS A 39 -1.39 9.79 -8.16
C CYS A 39 -1.70 11.24 -7.49
C CYS A 39 -1.81 11.22 -7.77
N LEU A 40 -0.87 12.16 -7.96
CA LEU A 40 -0.96 13.58 -7.54
C LEU A 40 -1.09 14.41 -8.74
N ASP A 41 -1.64 15.62 -8.54
CA ASP A 41 -1.79 16.52 -9.69
C ASP A 41 -0.61 17.46 -9.74
N GLU A 42 0.14 17.53 -8.65
CA GLU A 42 1.36 18.35 -8.66
C GLU A 42 2.27 17.79 -7.61
N PRO A 43 3.55 18.24 -7.59
CA PRO A 43 4.43 17.70 -6.53
C PRO A 43 3.88 18.06 -5.14
N LEU A 44 4.05 17.15 -4.18
CA LEU A 44 3.52 17.38 -2.84
C LEU A 44 4.71 17.46 -1.89
N LYS A 45 4.87 18.61 -1.23
CA LYS A 45 5.95 18.74 -0.27
C LYS A 45 5.36 18.40 1.09
N ILE A 46 5.79 17.27 1.65
N ILE A 46 5.75 17.25 1.63
CA ILE A 46 5.19 16.78 2.89
CA ILE A 46 5.19 16.86 2.91
C ILE A 46 6.09 17.20 4.05
C ILE A 46 6.12 17.34 3.98
N GLU A 47 5.55 18.05 4.93
CA GLU A 47 6.30 18.68 6.03
C GLU A 47 6.66 17.64 7.08
N PRO A 48 7.65 17.97 7.90
CA PRO A 48 7.99 17.05 9.00
C PRO A 48 6.78 16.81 9.86
N ASP A 49 6.52 15.54 10.11
CA ASP A 49 5.42 15.04 10.93
C ASP A 49 4.05 15.21 10.32
N GLU A 50 4.00 15.58 9.06
CA GLU A 50 2.69 15.74 8.39
C GLU A 50 2.25 14.39 7.83
N THR A 51 0.93 14.16 7.84
CA THR A 51 0.33 13.00 7.14
C THR A 51 -0.60 13.50 6.04
N CYS A 52 -0.52 12.86 4.88
CA CYS A 52 -1.34 13.22 3.73
C CYS A 52 -1.96 11.96 3.19
N LEU A 53 -3.25 11.98 2.87
CA LEU A 53 -3.85 10.78 2.27
C LEU A 53 -3.67 10.86 0.75
N ILE A 54 -2.97 9.89 0.16
CA ILE A 54 -2.64 10.01 -1.28
C ILE A 54 -3.29 8.85 -2.03
N SER A 55 -3.97 9.21 -3.13
CA SER A 55 -4.52 8.18 -4.03
C SER A 55 -3.49 7.41 -4.80
N THR A 56 -3.68 6.10 -4.92
CA THR A 56 -2.88 5.32 -5.86
C THR A 56 -3.48 5.29 -7.29
N GLY A 57 -4.65 5.88 -7.47
CA GLY A 57 -5.36 5.90 -8.77
C GLY A 57 -6.03 4.56 -9.09
N LEU A 58 -6.21 3.70 -8.11
N LEU A 58 -6.20 3.72 -8.06
CA LEU A 58 -6.89 2.43 -8.39
CA LEU A 58 -6.64 2.32 -8.22
C LEU A 58 -7.74 1.99 -7.21
C LEU A 58 -7.54 1.81 -7.09
N ALA A 59 -8.49 0.91 -7.42
CA ALA A 59 -9.18 0.12 -6.39
C ALA A 59 -8.83 -1.36 -6.66
N ILE A 60 -8.64 -2.20 -5.64
CA ILE A 60 -8.44 -3.64 -5.85
C ILE A 60 -9.55 -4.43 -5.12
N TYR A 61 -9.69 -5.66 -5.53
CA TYR A 61 -10.63 -6.54 -4.88
C TYR A 61 -9.94 -7.88 -4.87
N LEU A 62 -9.46 -8.28 -3.69
CA LEU A 62 -8.75 -9.55 -3.57
C LEU A 62 -9.63 -10.80 -3.72
N GLY A 63 -10.87 -10.70 -3.27
CA GLY A 63 -11.86 -11.74 -3.56
C GLY A 63 -11.76 -13.16 -3.00
N HIS A 64 -10.85 -13.44 -2.09
CA HIS A 64 -10.76 -14.78 -1.48
C HIS A 64 -10.53 -14.57 0.02
N SER A 65 -11.28 -15.31 0.82
CA SER A 65 -11.37 -15.05 2.24
C SER A 65 -10.05 -15.29 2.98
N ASN A 66 -9.19 -16.16 2.41
CA ASN A 66 -7.87 -16.43 3.04
C ASN A 66 -6.72 -15.67 2.39
N VAL A 67 -7.04 -14.58 1.72
CA VAL A 67 -5.99 -13.70 1.18
C VAL A 67 -6.16 -12.30 1.75
N ALA A 68 -5.06 -11.63 2.07
CA ALA A 68 -5.14 -10.25 2.48
C ALA A 68 -3.98 -9.53 1.80
N ALA A 69 -3.91 -8.22 1.95
CA ALA A 69 -2.68 -7.55 1.48
C ALA A 69 -2.26 -6.54 2.55
N THR A 70 -0.97 -6.25 2.65
CA THR A 70 -0.55 -5.18 3.58
C THR A 70 0.18 -4.13 2.78
N ILE A 71 -0.11 -2.88 3.06
CA ILE A 71 0.68 -1.79 2.48
C ILE A 71 1.79 -1.50 3.50
N LEU A 72 3.04 -1.46 3.02
CA LEU A 72 4.20 -1.23 3.87
C LEU A 72 4.99 -0.08 3.28
N PRO A 73 5.77 0.65 4.10
CA PRO A 73 6.70 1.65 3.54
C PRO A 73 7.73 1.00 2.63
N ARG A 74 8.28 1.80 1.71
CA ARG A 74 9.53 1.46 1.03
C ARG A 74 10.66 1.45 2.02
N SER A 75 11.53 0.46 1.87
CA SER A 75 12.62 0.30 2.84
C SER A 75 13.57 1.45 2.82
N GLY A 76 14.05 1.88 1.63
CA GLY A 76 15.07 2.88 1.58
C GLY A 76 14.46 4.24 1.83
N LEU A 77 13.30 4.50 1.23
CA LEU A 77 12.71 5.83 1.42
C LEU A 77 12.30 6.01 2.89
N GLY A 78 11.83 4.93 3.51
CA GLY A 78 11.34 5.03 4.88
C GLY A 78 12.54 5.27 5.79
N HIS A 79 13.63 4.53 5.54
CA HIS A 79 14.85 4.77 6.37
C HIS A 79 15.51 6.11 6.09
N LYS A 80 15.77 6.43 4.82
CA LYS A 80 16.58 7.58 4.51
C LYS A 80 15.85 8.89 4.66
N HIS A 81 14.54 8.89 4.38
CA HIS A 81 13.79 10.16 4.35
C HIS A 81 12.62 10.15 5.35
N GLY A 82 12.36 9.01 5.97
CA GLY A 82 11.23 8.97 6.92
C GLY A 82 9.86 9.01 6.27
N ILE A 83 9.76 8.63 5.00
CA ILE A 83 8.44 8.62 4.34
C ILE A 83 7.85 7.24 4.57
N VAL A 84 6.85 7.17 5.49
CA VAL A 84 6.32 5.92 5.94
C VAL A 84 4.81 6.05 5.92
N LEU A 85 4.11 5.26 6.77
CA LEU A 85 2.62 5.19 6.68
C LEU A 85 2.06 5.69 7.96
N GLY A 86 1.02 6.56 7.91
CA GLY A 86 0.37 7.13 9.12
C GLY A 86 -0.31 6.06 9.96
N ASN A 87 -0.77 4.98 9.28
CA ASN A 87 -1.34 3.89 10.05
C ASN A 87 -0.34 2.71 10.24
N LEU A 88 0.92 2.99 9.87
CA LEU A 88 2.11 2.10 10.04
C LEU A 88 2.11 0.92 9.05
N VAL A 89 1.01 0.13 9.02
CA VAL A 89 0.85 -1.00 8.07
C VAL A 89 -0.60 -0.91 7.68
N GLY A 90 -0.85 -0.80 6.37
CA GLY A 90 -2.25 -0.71 5.96
C GLY A 90 -2.79 -2.05 5.54
N LEU A 91 -3.70 -2.65 6.30
CA LEU A 91 -4.17 -3.99 5.98
C LEU A 91 -5.38 -3.90 5.11
N ILE A 92 -5.38 -4.65 4.04
CA ILE A 92 -6.50 -4.67 3.09
C ILE A 92 -7.23 -5.98 3.21
N ASP A 93 -8.52 -5.91 3.52
CA ASP A 93 -9.38 -7.07 3.71
C ASP A 93 -9.74 -7.68 2.34
N SER A 94 -9.98 -8.98 2.31
CA SER A 94 -10.35 -9.63 1.03
C SER A 94 -11.62 -9.08 0.38
N ASP A 95 -12.53 -8.52 1.18
CA ASP A 95 -13.81 -8.02 0.67
C ASP A 95 -13.81 -6.48 0.50
N TYR A 96 -12.68 -5.83 0.71
CA TYR A 96 -12.65 -4.40 0.53
C TYR A 96 -12.71 -4.09 -0.99
N GLN A 97 -13.54 -3.13 -1.40
CA GLN A 97 -13.61 -2.74 -2.84
C GLN A 97 -13.37 -1.25 -3.13
N GLY A 98 -12.94 -0.50 -2.12
CA GLY A 98 -12.85 0.95 -2.27
C GLY A 98 -11.56 1.42 -2.91
N PRO A 99 -11.46 2.70 -3.14
CA PRO A 99 -10.20 3.23 -3.64
C PRO A 99 -9.06 2.82 -2.69
N LEU A 100 -7.92 2.42 -3.26
CA LEU A 100 -6.75 2.09 -2.49
C LEU A 100 -5.95 3.36 -2.24
N VAL A 102 -3.09 5.60 0.23
CA VAL A 102 -1.93 5.47 1.10
C VAL A 102 -1.93 6.62 2.14
N SER A 103 -1.84 6.27 3.43
CA SER A 103 -1.67 7.28 4.48
C SER A 103 -0.17 7.60 4.57
N CYS A 104 0.25 8.67 3.89
CA CYS A 104 1.68 8.96 3.76
C CYS A 104 2.07 9.87 4.92
N TRP A 105 2.94 9.37 5.82
CA TRP A 105 3.37 10.14 6.97
C TRP A 105 4.88 10.37 6.85
N ASN A 106 5.26 11.63 6.90
CA ASN A 106 6.68 12.01 6.97
C ASN A 106 7.08 12.04 8.46
N ARG A 107 7.68 10.94 8.96
CA ARG A 107 8.11 10.92 10.34
C ARG A 107 9.44 11.67 10.50
N GLY A 108 10.06 12.05 9.38
CA GLY A 108 11.39 12.65 9.42
C GLY A 108 11.43 14.10 9.90
N LYS A 109 12.63 14.65 10.03
CA LYS A 109 12.80 16.01 10.51
C LYS A 109 12.87 17.04 9.40
N GLU A 110 13.03 16.58 8.14
CA GLU A 110 13.07 17.48 6.99
C GLU A 110 11.84 17.27 6.09
N PRO A 111 11.41 18.33 5.41
CA PRO A 111 10.32 18.18 4.44
C PRO A 111 10.81 17.32 3.30
N TYR A 112 9.90 16.70 2.56
CA TYR A 112 10.32 15.85 1.43
C TYR A 112 9.30 16.09 0.32
N THR A 113 9.75 16.22 -0.92
CA THR A 113 8.83 16.39 -2.05
C THR A 113 8.62 15.09 -2.83
N ILE A 114 7.35 14.69 -2.91
CA ILE A 114 6.94 13.51 -3.67
C ILE A 114 6.43 14.03 -5.00
N ASN A 115 6.97 13.49 -6.11
CA ASN A 115 6.48 13.91 -7.41
C ASN A 115 5.34 12.99 -7.84
N PRO A 116 4.47 13.48 -8.68
CA PRO A 116 3.43 12.58 -9.23
C PRO A 116 4.07 11.35 -9.86
N GLY A 117 3.55 10.18 -9.54
CA GLY A 117 4.00 8.91 -10.11
C GLY A 117 5.11 8.29 -9.27
N ASP A 118 5.70 9.02 -8.32
CA ASP A 118 6.72 8.39 -7.48
C ASP A 118 6.20 7.21 -6.65
N ARG A 119 7.06 6.22 -6.45
CA ARG A 119 6.69 5.04 -5.64
C ARG A 119 6.71 5.52 -4.19
N ILE A 120 5.63 5.32 -3.43
CA ILE A 120 5.60 5.79 -2.00
C ILE A 120 5.34 4.65 -0.99
N ALA A 121 5.04 3.45 -1.48
CA ALA A 121 4.76 2.31 -0.58
C ALA A 121 4.81 1.02 -1.40
N GLN A 122 4.64 -0.11 -0.77
CA GLN A 122 4.52 -1.31 -1.53
C GLN A 122 3.37 -2.16 -0.98
N LEU A 123 2.90 -3.05 -1.80
CA LEU A 123 1.71 -3.86 -1.42
C LEU A 123 2.14 -5.30 -1.47
N VAL A 124 1.97 -6.03 -0.36
CA VAL A 124 2.31 -7.46 -0.32
C VAL A 124 1.01 -8.24 -0.16
N VAL A 125 0.83 -9.22 -1.03
CA VAL A 125 -0.35 -10.10 -0.98
C VAL A 125 0.05 -11.36 -0.25
N LEU A 126 -0.73 -11.78 0.74
CA LEU A 126 -0.28 -12.91 1.56
C LEU A 126 -1.47 -13.74 2.05
N PRO A 127 -1.19 -15.01 2.33
CA PRO A 127 -2.22 -15.90 2.85
C PRO A 127 -2.45 -15.60 4.34
N ILE A 128 -3.70 -15.68 4.78
CA ILE A 128 -4.00 -15.48 6.19
C ILE A 128 -4.87 -16.66 6.67
N LEU A 129 -4.89 -16.88 7.98
CA LEU A 129 -5.79 -17.92 8.54
C LEU A 129 -7.00 -17.28 9.16
N LYS A 130 -8.09 -18.04 9.25
CA LYS A 130 -9.27 -17.50 9.96
C LYS A 130 -9.32 -18.17 11.34
N ALA A 131 -9.15 -17.37 12.38
CA ALA A 131 -9.08 -17.93 13.73
C ALA A 131 -10.48 -18.28 14.15
N GLN A 132 -10.62 -19.36 14.92
CA GLN A 132 -11.92 -19.66 15.53
C GLN A 132 -11.62 -19.85 17.02
N PHE A 133 -12.18 -19.00 17.89
CA PHE A 133 -11.86 -19.11 19.30
C PHE A 133 -12.59 -20.24 19.99
N ALA A 134 -11.92 -20.75 21.03
CA ALA A 134 -12.58 -21.62 22.03
C ALA A 134 -12.20 -20.98 23.37
N VAL A 135 -13.18 -20.58 24.17
CA VAL A 135 -12.92 -20.04 25.51
C VAL A 135 -12.59 -21.16 26.49
N VAL A 136 -11.47 -21.02 27.20
CA VAL A 136 -11.04 -22.03 28.16
C VAL A 136 -10.72 -21.32 29.48
N GLU A 137 -10.76 -22.06 30.59
CA GLU A 137 -10.30 -21.55 31.87
C GLU A 137 -8.80 -21.65 32.03
N GLU A 138 -8.23 -22.73 31.52
CA GLU A 138 -6.78 -22.90 31.47
C GLU A 138 -6.41 -23.43 30.09
N PHE A 139 -5.27 -23.00 29.55
CA PHE A 139 -4.78 -23.45 28.26
C PHE A 139 -4.35 -24.91 28.34
N GLU A 140 -4.58 -25.64 27.26
CA GLU A 140 -4.14 -27.01 27.14
C GLU A 140 -3.11 -27.10 26.05
N LEU A 141 -1.99 -27.74 26.38
CA LEU A 141 -0.98 -28.16 25.41
C LEU A 141 0.04 -27.06 25.20
#